data_6SSC
#
_entry.id   6SSC
#
_cell.length_a   37.400
_cell.length_b   53.780
_cell.length_c   76.710
_cell.angle_alpha   90.000
_cell.angle_beta   90.000
_cell.angle_gamma   90.000
#
_symmetry.space_group_name_H-M   'P 21 21 21'
#
loop_
_entity.id
_entity.type
_entity.pdbx_description
1 polymer 'N-acetylmuramoyl-L-alanine amidase'
2 non-polymer 'PHOSPHATE ION'
3 non-polymer GLYCEROL
4 non-polymer 'ZINC ION'
5 water water
#
_entity_poly.entity_id   1
_entity_poly.type   'polypeptide(L)'
_entity_poly.pdbx_seq_one_letter_code
;MGSSHHHHHHSSGLVPRGSHMKNLLRRIRRKLRNKFSRSDVIKTPKIVEVNYTWATPLSYNFNPNMIVYHHTVDNNMTPQ
KIDEIHKQRGWSGIGYHFYIRKDGTIYRGRPENAVGSHAPGVNARAFGIASEGNFNEEYVTPQQMTSLIALSRYLMNKYN
ITDLKRHKDVRQTECPGNNFPFEEIKAKLNVK
;
_entity_poly.pdbx_strand_id   A
#
loop_
_chem_comp.id
_chem_comp.type
_chem_comp.name
_chem_comp.formula
GOL non-polymer GLYCEROL 'C3 H8 O3'
PO4 non-polymer 'PHOSPHATE ION' 'O4 P -3'
ZN non-polymer 'ZINC ION' 'Zn 2'
#
# COMPACT_ATOMS: atom_id res chain seq x y z
N THR A 44 -12.06 -7.09 -12.43
CA THR A 44 -11.24 -5.93 -11.95
C THR A 44 -11.54 -5.69 -10.47
N PRO A 45 -10.59 -5.57 -9.51
CA PRO A 45 -10.98 -5.36 -8.12
C PRO A 45 -11.79 -4.09 -7.90
N LYS A 46 -12.69 -4.16 -6.95
CA LYS A 46 -13.52 -3.02 -6.56
C LYS A 46 -12.66 -2.05 -5.78
N ILE A 47 -12.41 -0.89 -6.36
CA ILE A 47 -11.66 0.19 -5.71
C ILE A 47 -12.63 1.28 -5.35
N VAL A 48 -12.69 1.66 -4.08
CA VAL A 48 -13.59 2.71 -3.60
C VAL A 48 -12.92 4.07 -3.74
N GLU A 49 -13.47 4.93 -4.57
CA GLU A 49 -12.94 6.25 -4.80
C GLU A 49 -13.25 7.05 -3.53
N VAL A 50 -12.32 7.89 -3.12
CA VAL A 50 -12.45 8.78 -1.97
C VAL A 50 -12.22 10.23 -2.41
N ASN A 51 -13.02 11.14 -1.93
CA ASN A 51 -12.90 12.58 -2.19
C ASN A 51 -11.79 13.10 -1.28
N TYR A 52 -10.73 13.55 -1.87
CA TYR A 52 -9.59 14.18 -1.16
C TYR A 52 -9.40 15.60 -1.66
N THR A 53 -8.85 16.44 -0.80
CA THR A 53 -8.40 17.79 -1.17
C THR A 53 -6.90 17.84 -0.93
N TRP A 54 -6.16 17.76 -2.01
CA TRP A 54 -4.69 17.65 -1.95
C TRP A 54 -4.05 18.97 -1.57
N ALA A 55 -3.22 18.98 -0.54
CA ALA A 55 -2.65 20.22 0.01
C ALA A 55 -1.61 20.85 -0.94
N THR A 56 -0.70 20.04 -1.47
CA THR A 56 0.42 20.52 -2.26
C THR A 56 0.40 19.82 -3.62
N PRO A 57 1.07 20.39 -4.62
CA PRO A 57 0.93 19.85 -5.94
C PRO A 57 1.42 18.41 -6.05
N LEU A 58 0.58 17.59 -6.62
CA LEU A 58 0.95 16.20 -6.95
C LEU A 58 1.88 16.21 -8.16
N SER A 59 2.91 15.39 -8.15
CA SER A 59 3.73 15.09 -9.30
C SER A 59 3.17 13.83 -9.99
N TYR A 60 3.11 13.91 -11.31
CA TYR A 60 2.74 12.78 -12.14
C TYR A 60 3.92 12.23 -12.90
N ASN A 61 5.14 12.60 -12.50
CA ASN A 61 6.36 11.97 -13.04
C ASN A 61 6.56 10.69 -12.22
N PHE A 62 5.67 9.74 -12.46
CA PHE A 62 5.55 8.46 -11.73
C PHE A 62 5.64 7.37 -12.79
N ASN A 63 6.59 6.47 -12.59
CA ASN A 63 6.85 5.37 -13.57
C ASN A 63 7.02 4.08 -12.78
N PRO A 64 5.89 3.50 -12.37
CA PRO A 64 6.03 2.41 -11.43
C PRO A 64 6.60 1.14 -12.06
N ASN A 65 7.48 0.52 -11.33
CA ASN A 65 8.05 -0.81 -11.68
C ASN A 65 8.16 -1.69 -10.41
N MET A 66 7.40 -1.36 -9.39
N MET A 66 7.53 -1.29 -9.33
CA MET A 66 7.55 -1.98 -8.06
CA MET A 66 7.46 -2.20 -8.16
C MET A 66 6.24 -1.81 -7.31
C MET A 66 6.24 -1.85 -7.34
N ILE A 67 5.89 -2.78 -6.44
CA ILE A 67 4.81 -2.63 -5.46
C ILE A 67 5.44 -2.80 -4.10
N VAL A 68 5.19 -1.85 -3.22
CA VAL A 68 5.66 -1.92 -1.83
C VAL A 68 4.49 -2.06 -0.88
N TYR A 69 4.56 -3.05 0.00
CA TYR A 69 3.54 -3.35 1.01
C TYR A 69 3.83 -2.70 2.34
N HIS A 70 2.79 -2.13 2.93
CA HIS A 70 2.83 -1.40 4.22
C HIS A 70 1.77 -1.91 5.18
N HIS A 71 2.00 -1.69 6.47
CA HIS A 71 0.93 -1.75 7.46
C HIS A 71 0.77 -0.37 8.04
N THR A 72 -0.38 -0.12 8.64
CA THR A 72 -0.70 1.22 9.21
C THR A 72 -0.30 1.36 10.67
N VAL A 73 -0.02 0.28 11.38
CA VAL A 73 0.24 0.18 12.83
C VAL A 73 -1.04 0.49 13.61
N ASP A 74 -1.60 1.66 13.46
CA ASP A 74 -2.86 2.03 14.08
C ASP A 74 -4.01 1.32 13.36
N ASN A 75 -4.97 0.90 14.12
CA ASN A 75 -6.23 0.30 13.64
C ASN A 75 -7.34 1.34 13.63
N ASN A 76 -8.50 1.05 13.04
N ASN A 76 -8.35 0.99 12.84
CA ASN A 76 -9.71 1.91 13.14
CA ASN A 76 -9.69 1.60 12.80
C ASN A 76 -9.57 3.17 12.31
C ASN A 76 -9.54 3.04 12.33
N MET A 77 -8.61 3.29 11.41
CA MET A 77 -8.49 4.54 10.67
C MET A 77 -9.21 4.48 9.32
N THR A 78 -9.97 5.53 9.08
CA THR A 78 -10.55 5.76 7.75
C THR A 78 -9.43 6.24 6.81
N PRO A 79 -9.59 6.13 5.47
CA PRO A 79 -8.63 6.79 4.57
C PRO A 79 -8.51 8.30 4.83
N GLN A 80 -9.65 8.93 5.20
CA GLN A 80 -9.63 10.36 5.52
C GLN A 80 -8.72 10.65 6.70
N LYS A 81 -8.75 9.81 7.73
CA LYS A 81 -7.90 10.01 8.90
C LYS A 81 -6.44 9.86 8.52
N ILE A 82 -6.12 8.83 7.71
CA ILE A 82 -4.71 8.68 7.22
C ILE A 82 -4.31 9.96 6.46
N ASP A 83 -5.20 10.47 5.59
CA ASP A 83 -4.90 11.64 4.81
C ASP A 83 -4.59 12.82 5.73
N GLU A 84 -5.35 12.99 6.80
CA GLU A 84 -5.08 14.07 7.76
C GLU A 84 -3.71 13.95 8.37
N ILE A 85 -3.37 12.76 8.80
CA ILE A 85 -2.05 12.53 9.43
C ILE A 85 -0.95 12.79 8.43
N HIS A 86 -1.10 12.29 7.22
CA HIS A 86 -0.06 12.48 6.20
C HIS A 86 0.09 13.95 5.85
N LYS A 87 -0.96 14.73 5.88
CA LYS A 87 -0.87 16.20 5.72
C LYS A 87 -0.08 16.83 6.86
N GLN A 88 -0.26 16.36 8.09
CA GLN A 88 0.52 16.90 9.22
C GLN A 88 2.03 16.70 8.98
N ARG A 89 2.39 15.57 8.35
CA ARG A 89 3.79 15.20 8.10
C ARG A 89 4.33 15.97 6.89
N GLY A 90 3.55 16.81 6.27
CA GLY A 90 4.00 17.69 5.18
C GLY A 90 3.81 17.10 3.82
N TRP A 91 3.10 15.99 3.73
CA TRP A 91 2.78 15.41 2.40
C TRP A 91 1.49 16.07 1.89
N SER A 92 1.24 15.85 0.60
CA SER A 92 0.01 16.47 0.00
C SER A 92 -1.25 15.89 0.65
N GLY A 93 -1.16 14.63 1.06
CA GLY A 93 -2.27 13.87 1.59
C GLY A 93 -1.88 12.42 1.63
N ILE A 94 -2.84 11.53 1.78
CA ILE A 94 -2.57 10.07 1.97
C ILE A 94 -1.49 9.62 0.98
N GLY A 95 -0.47 9.02 1.51
CA GLY A 95 0.76 8.71 0.77
C GLY A 95 0.70 7.42 0.01
N TYR A 96 -0.19 6.54 0.42
CA TYR A 96 -0.40 5.23 -0.22
C TYR A 96 -1.26 5.39 -1.45
N HIS A 97 -1.07 4.54 -2.45
CA HIS A 97 -1.99 4.51 -3.61
C HIS A 97 -3.24 3.73 -3.26
N PHE A 98 -3.19 2.81 -2.33
CA PHE A 98 -4.37 2.01 -1.95
C PHE A 98 -4.26 1.70 -0.45
N TYR A 99 -5.40 1.60 0.18
CA TYR A 99 -5.52 1.29 1.60
C TYR A 99 -6.58 0.24 1.75
N ILE A 100 -6.25 -0.92 2.29
CA ILE A 100 -7.11 -2.12 2.42
C ILE A 100 -7.49 -2.29 3.90
N ARG A 101 -8.76 -2.06 4.18
CA ARG A 101 -9.25 -2.22 5.55
C ARG A 101 -9.54 -3.67 5.90
N LYS A 102 -9.72 -3.91 7.21
CA LYS A 102 -9.85 -5.28 7.72
C LYS A 102 -10.96 -6.07 7.04
N ASP A 103 -12.05 -5.38 6.63
CA ASP A 103 -13.13 -6.11 5.94
C ASP A 103 -12.86 -6.31 4.45
N GLY A 104 -11.64 -5.99 3.98
CA GLY A 104 -11.20 -6.21 2.59
C GLY A 104 -11.50 -5.03 1.68
N THR A 105 -12.14 -3.99 2.16
CA THR A 105 -12.48 -2.85 1.31
C THR A 105 -11.18 -2.19 0.88
N ILE A 106 -11.05 -1.96 -0.45
CA ILE A 106 -9.90 -1.26 -1.06
C ILE A 106 -10.30 0.16 -1.30
N TYR A 107 -9.67 1.11 -0.62
CA TYR A 107 -9.84 2.54 -0.88
C TYR A 107 -8.69 3.03 -1.70
N ARG A 108 -8.99 3.84 -2.70
CA ARG A 108 -7.97 4.64 -3.39
C ARG A 108 -7.43 5.70 -2.44
N GLY A 109 -6.11 5.89 -2.54
CA GLY A 109 -5.42 7.02 -1.89
C GLY A 109 -4.96 7.97 -2.96
N ARG A 110 -3.63 8.01 -3.16
N ARG A 110 -3.64 8.05 -3.10
CA ARG A 110 -3.07 8.80 -4.28
CA ARG A 110 -2.96 8.83 -4.16
C ARG A 110 -3.65 8.33 -5.57
C ARG A 110 -3.43 8.36 -5.53
N PRO A 111 -3.76 9.28 -6.50
CA PRO A 111 -4.10 8.87 -7.85
C PRO A 111 -3.11 7.83 -8.39
N GLU A 112 -3.62 6.92 -9.19
CA GLU A 112 -2.85 5.79 -9.70
C GLU A 112 -1.67 6.21 -10.56
N ASN A 113 -1.73 7.41 -11.14
CA ASN A 113 -0.65 7.95 -11.99
C ASN A 113 0.16 9.03 -11.29
N ALA A 114 0.00 9.21 -9.98
CA ALA A 114 0.77 10.22 -9.23
C ALA A 114 1.82 9.56 -8.31
N VAL A 115 2.90 10.28 -8.12
CA VAL A 115 3.90 9.88 -7.13
C VAL A 115 3.27 9.99 -5.76
N GLY A 116 3.45 8.92 -4.95
CA GLY A 116 2.99 8.81 -3.56
C GLY A 116 4.00 9.33 -2.58
N SER A 117 3.69 9.07 -1.30
CA SER A 117 4.54 9.48 -0.17
C SER A 117 4.49 8.29 0.79
N HIS A 118 5.12 7.19 0.43
CA HIS A 118 5.10 5.98 1.26
C HIS A 118 6.46 5.35 1.48
N ALA A 119 7.41 5.56 0.59
CA ALA A 119 8.74 4.91 0.70
C ALA A 119 9.79 5.84 0.09
N PRO A 120 10.25 6.89 0.85
CA PRO A 120 11.22 7.81 0.29
C PRO A 120 12.41 7.05 -0.28
N GLY A 121 12.75 7.40 -1.50
CA GLY A 121 13.83 6.82 -2.27
C GLY A 121 13.29 6.01 -3.45
N VAL A 122 12.09 5.45 -3.35
CA VAL A 122 11.45 4.68 -4.46
C VAL A 122 10.07 5.23 -4.78
N ASN A 123 9.70 6.38 -4.24
CA ASN A 123 8.31 6.81 -4.47
C ASN A 123 8.00 7.00 -5.97
N ALA A 124 8.94 7.45 -6.77
CA ALA A 124 8.70 7.69 -8.17
C ALA A 124 8.54 6.41 -8.97
N ARG A 125 8.85 5.27 -8.41
CA ARG A 125 8.87 3.97 -9.11
CA ARG A 125 8.74 4.01 -9.17
C ARG A 125 8.00 2.92 -8.38
N ALA A 126 7.31 3.28 -7.30
CA ALA A 126 6.64 2.25 -6.49
C ALA A 126 5.21 2.63 -6.19
N PHE A 127 4.29 1.67 -6.46
CA PHE A 127 2.94 1.74 -5.83
C PHE A 127 3.08 1.37 -4.37
N GLY A 128 2.35 2.05 -3.51
CA GLY A 128 2.28 1.76 -2.10
C GLY A 128 0.92 1.25 -1.74
N ILE A 129 0.87 0.04 -1.16
CA ILE A 129 -0.39 -0.62 -0.76
C ILE A 129 -0.35 -0.84 0.75
N ALA A 130 -1.20 -0.14 1.51
CA ALA A 130 -1.27 -0.25 2.95
C ALA A 130 -2.40 -1.17 3.35
N SER A 131 -2.20 -1.98 4.38
CA SER A 131 -3.19 -2.82 5.03
C SER A 131 -3.40 -2.34 6.45
N GLU A 132 -4.65 -2.20 6.85
CA GLU A 132 -5.02 -1.77 8.20
C GLU A 132 -4.59 -2.80 9.24
N GLY A 133 -3.71 -2.41 10.13
CA GLY A 133 -3.29 -3.30 11.21
C GLY A 133 -1.87 -3.09 11.60
N ASN A 134 -1.47 -3.75 12.69
CA ASN A 134 -0.11 -3.80 13.16
C ASN A 134 0.33 -5.25 13.10
N PHE A 135 0.97 -5.67 12.02
CA PHE A 135 1.22 -7.10 11.79
C PHE A 135 2.43 -7.58 12.56
N ASN A 136 2.99 -6.77 13.47
CA ASN A 136 3.83 -7.37 14.55
C ASN A 136 2.99 -8.11 15.56
N GLU A 137 1.69 -7.87 15.61
N GLU A 137 1.71 -7.90 15.61
CA GLU A 137 0.75 -8.28 16.71
CA GLU A 137 0.87 -8.55 16.64
C GLU A 137 -0.55 -8.93 16.25
C GLU A 137 -0.27 -9.35 16.02
N GLU A 138 -0.79 -8.89 14.95
CA GLU A 138 -1.92 -9.69 14.45
CA GLU A 138 -2.03 -9.27 14.27
C GLU A 138 -1.61 -10.08 13.02
N TYR A 139 -2.59 -10.72 12.41
CA TYR A 139 -2.51 -11.30 11.08
C TYR A 139 -3.47 -10.57 10.17
N VAL A 140 -3.12 -10.56 8.90
CA VAL A 140 -4.02 -10.04 7.83
CA VAL A 140 -4.09 -9.98 7.93
C VAL A 140 -5.33 -10.84 7.91
N THR A 141 -6.48 -10.25 7.76
CA THR A 141 -7.74 -10.98 7.70
C THR A 141 -7.79 -11.75 6.36
N PRO A 142 -8.64 -12.79 6.28
CA PRO A 142 -8.86 -13.46 4.98
C PRO A 142 -9.34 -12.48 3.90
N GLN A 143 -10.14 -11.47 4.29
CA GLN A 143 -10.65 -10.51 3.31
C GLN A 143 -9.53 -9.58 2.87
N GLN A 144 -8.64 -9.19 3.75
CA GLN A 144 -7.46 -8.41 3.35
C GLN A 144 -6.63 -9.25 2.40
N MET A 145 -6.39 -10.52 2.66
CA MET A 145 -5.56 -11.37 1.77
CA MET A 145 -5.58 -11.39 1.77
C MET A 145 -6.21 -11.43 0.38
N THR A 146 -7.50 -11.66 0.31
CA THR A 146 -8.20 -11.75 -0.97
C THR A 146 -7.95 -10.45 -1.73
N SER A 147 -8.17 -9.31 -1.06
CA SER A 147 -7.98 -8.01 -1.72
C SER A 147 -6.51 -7.76 -2.08
N LEU A 148 -5.55 -8.15 -1.28
CA LEU A 148 -4.13 -7.99 -1.56
C LEU A 148 -3.81 -8.72 -2.84
N ILE A 149 -4.27 -9.93 -3.01
CA ILE A 149 -3.94 -10.73 -4.21
C ILE A 149 -4.61 -10.07 -5.42
N ALA A 150 -5.88 -9.75 -5.34
CA ALA A 150 -6.61 -9.21 -6.49
C ALA A 150 -6.00 -7.89 -6.91
N LEU A 151 -5.79 -6.97 -5.97
CA LEU A 151 -5.24 -5.66 -6.29
C LEU A 151 -3.85 -5.83 -6.87
N SER A 152 -3.01 -6.63 -6.25
CA SER A 152 -1.64 -6.80 -6.72
C SER A 152 -1.66 -7.31 -8.16
N ARG A 153 -2.44 -8.34 -8.43
CA ARG A 153 -2.42 -8.90 -9.80
C ARG A 153 -2.95 -7.86 -10.79
N TYR A 154 -3.95 -7.10 -10.44
N TYR A 154 -3.94 -7.10 -10.40
CA TYR A 154 -4.44 -6.01 -11.33
CA TYR A 154 -4.49 -6.01 -11.23
C TYR A 154 -3.26 -5.09 -11.70
C TYR A 154 -3.41 -5.01 -11.63
N LEU A 155 -2.59 -4.58 -10.69
CA LEU A 155 -1.48 -3.65 -10.97
C LEU A 155 -0.35 -4.30 -11.72
N MET A 156 -0.04 -5.53 -11.39
CA MET A 156 1.05 -6.25 -12.07
C MET A 156 0.76 -6.40 -13.54
N ASN A 157 -0.47 -6.80 -13.84
CA ASN A 157 -0.82 -6.96 -15.26
C ASN A 157 -0.91 -5.62 -15.96
N LYS A 158 -1.51 -4.62 -15.30
CA LYS A 158 -1.72 -3.34 -15.98
C LYS A 158 -0.39 -2.65 -16.28
N TYR A 159 0.58 -2.77 -15.41
CA TYR A 159 1.81 -1.97 -15.50
C TYR A 159 3.03 -2.84 -15.83
N ASN A 160 2.86 -4.14 -16.01
CA ASN A 160 3.98 -5.06 -16.28
C ASN A 160 4.99 -5.07 -15.11
N ILE A 161 4.47 -5.17 -13.89
CA ILE A 161 5.30 -5.18 -12.66
C ILE A 161 5.44 -6.61 -12.20
N THR A 162 6.70 -6.99 -11.91
CA THR A 162 7.05 -8.29 -11.30
C THR A 162 7.73 -8.11 -9.95
N ASP A 163 8.16 -6.91 -9.56
CA ASP A 163 8.96 -6.68 -8.36
C ASP A 163 8.04 -6.30 -7.19
N LEU A 164 7.91 -7.22 -6.23
CA LEU A 164 7.12 -7.02 -5.02
C LEU A 164 8.09 -6.88 -3.87
N LYS A 165 7.88 -5.86 -3.03
CA LYS A 165 8.77 -5.63 -1.89
C LYS A 165 7.96 -5.25 -0.67
N ARG A 166 8.48 -5.60 0.47
CA ARG A 166 8.02 -5.02 1.75
C ARG A 166 8.66 -3.67 1.95
N HIS A 167 8.00 -2.77 2.72
CA HIS A 167 8.67 -1.52 3.05
C HIS A 167 10.07 -1.78 3.68
N LYS A 168 10.18 -2.76 4.56
CA LYS A 168 11.46 -3.08 5.20
CA LYS A 168 11.48 -3.00 5.20
C LYS A 168 12.52 -3.57 4.25
N ASP A 169 12.17 -3.92 3.00
CA ASP A 169 13.14 -4.33 1.99
C ASP A 169 13.79 -3.12 1.34
N VAL A 170 13.25 -1.91 1.47
CA VAL A 170 13.74 -0.72 0.76
C VAL A 170 14.14 0.35 1.75
N ARG A 171 13.71 0.26 3.02
CA ARG A 171 14.02 1.23 4.07
CA ARG A 171 14.03 1.25 4.07
C ARG A 171 14.16 0.53 5.40
N GLN A 172 14.88 1.14 6.32
N GLN A 172 14.83 1.20 6.32
CA GLN A 172 14.99 0.57 7.66
CA GLN A 172 14.93 0.67 7.68
C GLN A 172 13.66 0.80 8.41
C GLN A 172 13.59 0.86 8.39
N THR A 173 12.87 -0.22 8.69
CA THR A 173 11.54 -0.10 9.32
C THR A 173 11.11 -1.53 9.66
N GLU A 174 10.21 -1.61 10.63
CA GLU A 174 9.54 -2.94 10.88
C GLU A 174 8.36 -3.13 9.94
N CYS A 175 7.86 -2.07 9.28
CA CYS A 175 6.70 -2.17 8.39
C CYS A 175 7.04 -3.15 7.28
N PRO A 176 6.17 -4.10 6.86
CA PRO A 176 4.77 -4.19 7.20
C PRO A 176 4.41 -5.16 8.33
N GLY A 177 5.35 -5.42 9.22
CA GLY A 177 5.07 -6.22 10.41
C GLY A 177 5.50 -7.66 10.25
N ASN A 178 5.89 -8.26 11.38
CA ASN A 178 6.48 -9.60 11.34
C ASN A 178 5.58 -10.63 10.70
N ASN A 179 4.29 -10.54 10.91
CA ASN A 179 3.34 -11.57 10.47
C ASN A 179 2.79 -11.28 9.08
N PHE A 180 3.20 -10.18 8.43
CA PHE A 180 2.63 -9.85 7.10
C PHE A 180 3.01 -10.99 6.15
N PRO A 181 2.05 -11.56 5.43
CA PRO A 181 2.23 -12.83 4.76
C PRO A 181 2.86 -12.67 3.37
N PHE A 182 4.07 -12.08 3.35
CA PHE A 182 4.75 -11.71 2.12
C PHE A 182 5.02 -12.93 1.24
N GLU A 183 5.60 -13.96 1.83
CA GLU A 183 5.93 -15.15 1.02
C GLU A 183 4.66 -15.80 0.49
N GLU A 184 3.58 -15.86 1.23
CA GLU A 184 2.30 -16.39 0.75
C GLU A 184 1.77 -15.54 -0.40
N ILE A 185 1.84 -14.22 -0.29
CA ILE A 185 1.37 -13.34 -1.39
C ILE A 185 2.18 -13.67 -2.64
N LYS A 186 3.51 -13.70 -2.52
CA LYS A 186 4.37 -13.97 -3.69
CA LYS A 186 4.36 -13.96 -3.70
C LYS A 186 3.98 -15.33 -4.28
N ALA A 187 3.80 -16.33 -3.43
CA ALA A 187 3.43 -17.68 -3.96
C ALA A 187 2.12 -17.70 -4.71
N LYS A 188 1.09 -17.03 -4.21
CA LYS A 188 -0.22 -17.00 -4.86
C LYS A 188 -0.09 -16.21 -6.15
N LEU A 189 0.81 -15.23 -6.25
CA LEU A 189 0.98 -14.43 -7.47
C LEU A 189 2.02 -15.07 -8.40
N ASN A 190 2.63 -16.19 -8.04
CA ASN A 190 3.67 -16.87 -8.85
C ASN A 190 4.83 -15.94 -9.14
N VAL A 191 5.31 -15.23 -8.13
CA VAL A 191 6.53 -14.40 -8.13
C VAL A 191 7.61 -15.09 -7.35
N LYS A 192 8.85 -15.11 -7.81
CA LYS A 192 9.96 -15.87 -7.16
C LYS A 192 10.87 -14.93 -6.42
P PO4 B . 10.08 5.62 6.08
O1 PO4 B . 10.08 4.86 7.49
O2 PO4 B . 8.57 5.85 5.62
O3 PO4 B . 10.63 4.79 5.04
O4 PO4 B . 10.71 7.02 6.13
C1 GOL C . 1.36 5.72 8.85
C1 GOL C . -0.83 7.05 11.04
O1 GOL C . 2.11 6.38 7.83
O1 GOL C . -0.66 6.70 12.40
C2 GOL C . -0.11 5.78 8.52
C2 GOL C . -0.32 5.96 10.11
O2 GOL C . -0.59 4.50 8.08
O2 GOL C . -1.42 5.16 9.66
C3 GOL C . -0.92 6.23 9.69
C3 GOL C . 0.42 6.55 8.93
O3 GOL C . -0.66 5.33 10.77
O3 GOL C . 0.14 5.79 7.74
C1 GOL D . -4.64 20.47 -5.71
C1 GOL D . -4.87 20.09 -5.97
O1 GOL D . -5.35 21.50 -6.41
O1 GOL D . -5.75 19.07 -6.41
C2 GOL D . -3.50 20.06 -6.59
C2 GOL D . -3.54 19.94 -6.66
O2 GOL D . -2.42 20.98 -6.47
O2 GOL D . -2.61 20.98 -6.34
C3 GOL D . -3.01 18.64 -6.35
C3 GOL D . -2.91 18.59 -6.39
O3 GOL D . -2.06 18.30 -7.36
O3 GOL D . -1.97 18.30 -7.41
ZN ZN E . 5.51 1.20 5.56
P PO4 F . 4.17 3.22 7.40
P PO4 F . 4.78 4.28 5.95
O1 PO4 F . 3.62 2.22 8.51
O1 PO4 F . 4.79 4.33 4.40
O2 PO4 F . 5.46 2.74 6.86
O2 PO4 F . 3.49 4.91 6.29
O3 PO4 F . 4.37 4.63 7.94
O3 PO4 F . 6.04 5.00 6.49
O4 PO4 F . 3.25 3.27 6.18
O4 PO4 F . 4.68 2.82 6.23
#